data_2FH5
#
_entry.id   2FH5
#
_cell.length_a   68.092
_cell.length_b   118.348
_cell.length_c   120.413
_cell.angle_alpha   90.00
_cell.angle_beta   90.00
_cell.angle_gamma   90.00
#
_symmetry.space_group_name_H-M   'I 2 2 2'
#
loop_
_entity.id
_entity.type
_entity.pdbx_description
1 polymer 'Signal recognition particle receptor alpha subunit'
2 polymer 'Signal recognition particle receptor beta subunit'
3 non-polymer 'MAGNESIUM ION'
4 non-polymer "GUANOSINE-5'-TRIPHOSPHATE"
5 water water
#
loop_
_entity_poly.entity_id
_entity_poly.type
_entity_poly.pdbx_seq_one_letter_code
_entity_poly.pdbx_strand_id
1 'polypeptide(L)'
;MSHHHHHHSMVDFFTIFSKGGLVLWCFQGVSDSCTGPVNALIRSVLLQERGGNNSFTHEALTLKYKLDNQFELVFVVGFQ
KILTLTYVDKLIDDVHRLFRDKYRTEIQQQSALSLLNGTFDFQNDFLRLLREAEESSKIRAPTTMKKFEDSEKAKKPVRS
MIETRGEKPKEKAKNSKKKGAKKEG
;
A
2 'polypeptide(L)'
;MARKSSQRAVLFVGLCDSGKTLLFVRLLTGQYRDTQTSITDSSAIYKVNNNRGNSLTLIDLPGHESLRFQLLDRFKSSAR
AVVFVVDSAAFQREVKDVAEFLYQVLIDSMALKNSPSLLIACNKQDIAMAKSAKLIQQQLEKELNTLRVTRSAAPSTLDS
SSTAPAQLGKKGKEFEFSQLPLKVEFLECSAKGGRGDTGSADIQDLEKWLAKIA
;
B
#
# COMPACT_ATOMS: atom_id res chain seq x y z
N HIS A 8 21.21 -19.20 -17.92
CA HIS A 8 21.18 -20.50 -17.19
C HIS A 8 19.73 -20.82 -16.80
N SER A 9 19.31 -20.36 -15.62
CA SER A 9 17.96 -20.58 -15.13
C SER A 9 16.93 -19.84 -16.02
N MET A 10 15.76 -20.44 -16.20
CA MET A 10 14.72 -19.85 -17.06
C MET A 10 14.20 -18.47 -16.56
N VAL A 11 14.20 -18.31 -15.26
CA VAL A 11 13.74 -17.10 -14.64
C VAL A 11 14.68 -16.87 -13.47
N ASP A 12 14.99 -15.61 -13.16
CA ASP A 12 15.87 -15.33 -12.03
C ASP A 12 15.10 -14.62 -10.92
N PHE A 13 13.90 -14.19 -11.23
CA PHE A 13 13.10 -13.48 -10.26
C PHE A 13 11.61 -13.71 -10.54
N PHE A 14 10.84 -13.90 -9.48
CA PHE A 14 9.41 -14.14 -9.66
C PHE A 14 8.67 -13.79 -8.38
N THR A 15 7.70 -12.90 -8.51
CA THR A 15 6.94 -12.55 -7.35
C THR A 15 5.48 -12.45 -7.70
N ILE A 16 4.65 -12.85 -6.74
CA ILE A 16 3.20 -12.82 -6.91
C ILE A 16 2.63 -11.97 -5.78
N PHE A 17 1.94 -10.88 -6.14
CA PHE A 17 1.33 -10.02 -5.14
C PHE A 17 -0.08 -9.60 -5.51
N SER A 18 -0.88 -9.19 -4.52
CA SER A 18 -2.25 -8.79 -4.82
C SER A 18 -2.24 -7.38 -5.38
N LYS A 19 -3.30 -6.99 -6.08
CA LYS A 19 -3.36 -5.64 -6.61
C LYS A 19 -3.45 -4.65 -5.43
N GLY A 20 -3.85 -5.16 -4.27
CA GLY A 20 -3.93 -4.33 -3.07
C GLY A 20 -2.53 -3.97 -2.60
N GLY A 21 -1.51 -4.68 -3.11
CA GLY A 21 -0.13 -4.41 -2.75
C GLY A 21 0.53 -5.43 -1.83
N LEU A 22 -0.19 -6.48 -1.47
CA LEU A 22 0.35 -7.51 -0.61
C LEU A 22 1.19 -8.58 -1.30
N VAL A 23 2.47 -8.69 -0.95
CA VAL A 23 3.30 -9.73 -1.58
C VAL A 23 2.85 -11.07 -0.97
N LEU A 24 2.43 -12.02 -1.79
CA LEU A 24 1.96 -13.32 -1.27
C LEU A 24 3.07 -14.37 -1.33
N TRP A 25 3.89 -14.30 -2.36
CA TRP A 25 4.97 -15.27 -2.49
C TRP A 25 5.99 -14.75 -3.50
N CYS A 26 7.26 -15.05 -3.30
CA CYS A 26 8.26 -14.64 -4.28
C CYS A 26 9.45 -15.60 -4.31
N PHE A 27 10.06 -15.73 -5.47
CA PHE A 27 11.21 -16.60 -5.68
C PHE A 27 12.39 -15.79 -6.20
N GLN A 28 13.60 -16.16 -5.77
CA GLN A 28 14.83 -15.50 -6.21
C GLN A 28 16.01 -16.45 -6.02
N GLY A 29 15.94 -17.59 -6.72
CA GLY A 29 16.95 -18.64 -6.62
C GLY A 29 16.63 -19.64 -5.52
N VAL A 30 17.20 -20.84 -5.61
CA VAL A 30 17.00 -21.85 -4.58
C VAL A 30 18.08 -21.45 -3.54
N SER A 31 18.66 -20.28 -3.82
CA SER A 31 19.74 -19.68 -3.02
C SER A 31 19.26 -18.76 -1.90
N ASP A 32 18.27 -17.93 -2.21
CA ASP A 32 17.78 -16.98 -1.22
C ASP A 32 16.27 -16.81 -1.26
N SER A 33 15.81 -15.74 -0.62
CA SER A 33 14.40 -15.38 -0.56
C SER A 33 14.26 -13.92 -0.97
N CYS A 34 13.99 -13.71 -2.24
CA CYS A 34 13.80 -12.39 -2.86
C CYS A 34 14.30 -11.13 -2.15
N THR A 35 15.42 -10.60 -2.66
CA THR A 35 15.99 -9.36 -2.14
C THR A 35 15.92 -8.26 -3.23
N GLY A 36 15.17 -8.55 -4.30
CA GLY A 36 14.99 -7.57 -5.35
C GLY A 36 15.58 -7.83 -6.72
N PRO A 37 15.00 -7.25 -7.77
CA PRO A 37 15.52 -7.47 -9.14
C PRO A 37 16.97 -7.05 -9.31
N VAL A 38 17.37 -5.95 -8.69
CA VAL A 38 18.76 -5.50 -8.80
C VAL A 38 19.74 -6.55 -8.28
N ASN A 39 19.49 -7.13 -7.12
CA ASN A 39 20.40 -8.15 -6.62
C ASN A 39 20.31 -9.38 -7.50
N ALA A 40 19.14 -9.62 -8.08
CA ALA A 40 19.00 -10.76 -8.97
C ALA A 40 19.87 -10.52 -10.22
N LEU A 41 19.93 -9.28 -10.70
CA LEU A 41 20.74 -8.99 -11.88
C LEU A 41 22.22 -9.12 -11.54
N ILE A 42 22.59 -8.71 -10.32
CA ILE A 42 23.98 -8.79 -9.89
C ILE A 42 24.43 -10.24 -9.73
N ARG A 43 23.60 -11.05 -9.08
CA ARG A 43 23.95 -12.46 -8.85
C ARG A 43 23.80 -13.36 -10.06
N SER A 44 22.75 -13.18 -10.85
CA SER A 44 22.52 -14.01 -12.01
C SER A 44 23.29 -13.61 -13.27
N VAL A 45 23.64 -12.32 -13.40
CA VAL A 45 24.37 -11.89 -14.59
C VAL A 45 25.80 -11.41 -14.32
N LEU A 46 25.93 -10.32 -13.58
CA LEU A 46 27.25 -9.76 -13.29
C LEU A 46 28.27 -10.78 -12.69
N LEU A 47 27.88 -11.50 -11.65
CA LEU A 47 28.76 -12.47 -11.00
C LEU A 47 28.76 -13.82 -11.70
N GLN A 48 28.42 -13.84 -12.99
CA GLN A 48 28.37 -15.08 -13.73
C GLN A 48 29.10 -14.99 -15.07
N GLU A 49 30.17 -14.21 -15.12
CA GLU A 49 30.95 -14.09 -16.35
C GLU A 49 32.12 -13.12 -16.20
N THR A 57 28.87 -7.58 -25.20
CA THR A 57 27.88 -7.17 -24.20
C THR A 57 27.47 -8.29 -23.23
N HIS A 58 26.97 -7.88 -22.06
CA HIS A 58 26.51 -8.83 -21.05
C HIS A 58 24.98 -8.81 -20.99
N GLU A 59 24.38 -9.85 -20.41
CA GLU A 59 22.92 -9.90 -20.33
C GLU A 59 22.26 -8.83 -19.46
N ALA A 60 20.97 -8.64 -19.70
CA ALA A 60 20.15 -7.68 -18.97
C ALA A 60 19.05 -8.49 -18.35
N LEU A 61 18.24 -7.86 -17.51
CA LEU A 61 17.15 -8.58 -16.89
C LEU A 61 15.86 -7.92 -17.37
N THR A 62 14.99 -8.68 -18.03
CA THR A 62 13.72 -8.14 -18.49
C THR A 62 12.72 -8.43 -17.38
N LEU A 63 11.97 -7.40 -17.01
CA LEU A 63 10.98 -7.47 -15.96
C LEU A 63 9.62 -7.26 -16.59
N LYS A 64 8.77 -8.27 -16.56
CA LYS A 64 7.44 -8.12 -17.13
C LYS A 64 6.39 -8.62 -16.14
N TYR A 65 5.15 -8.24 -16.35
CA TYR A 65 4.09 -8.67 -15.47
C TYR A 65 2.92 -9.30 -16.21
N LYS A 66 2.09 -10.00 -15.45
CA LYS A 66 0.91 -10.62 -16.01
C LYS A 66 -0.17 -10.40 -14.93
N LEU A 67 -1.40 -10.15 -15.34
CA LEU A 67 -2.46 -9.91 -14.37
C LEU A 67 -3.55 -10.95 -14.34
N ASP A 68 -4.17 -11.06 -13.17
CA ASP A 68 -5.32 -11.92 -12.98
C ASP A 68 -6.32 -10.89 -12.46
N ASN A 69 -7.19 -10.41 -13.33
CA ASN A 69 -8.15 -9.40 -12.91
C ASN A 69 -9.32 -9.89 -12.08
N GLN A 70 -9.66 -11.15 -12.23
CA GLN A 70 -10.76 -11.75 -11.51
C GLN A 70 -10.46 -11.77 -10.01
N PHE A 71 -9.30 -12.28 -9.64
CA PHE A 71 -8.91 -12.38 -8.23
C PHE A 71 -7.91 -11.35 -7.78
N GLU A 72 -7.64 -10.36 -8.63
CA GLU A 72 -6.72 -9.25 -8.31
C GLU A 72 -5.28 -9.64 -7.98
N LEU A 73 -4.62 -10.31 -8.91
CA LEU A 73 -3.24 -10.74 -8.72
C LEU A 73 -2.33 -10.19 -9.81
N VAL A 74 -1.07 -10.01 -9.45
CA VAL A 74 -0.04 -9.51 -10.34
C VAL A 74 1.13 -10.49 -10.25
N PHE A 75 1.64 -10.91 -11.42
CA PHE A 75 2.78 -11.82 -11.48
C PHE A 75 3.89 -11.04 -12.14
N VAL A 76 5.00 -10.86 -11.43
CA VAL A 76 6.13 -10.14 -11.99
C VAL A 76 7.32 -11.07 -12.08
N VAL A 77 7.90 -11.14 -13.27
CA VAL A 77 9.01 -12.01 -13.53
C VAL A 77 10.15 -11.27 -14.17
N GLY A 78 11.36 -11.65 -13.76
CA GLY A 78 12.58 -11.07 -14.29
C GLY A 78 13.40 -12.20 -14.87
N PHE A 79 13.78 -12.06 -16.14
CA PHE A 79 14.53 -13.11 -16.79
C PHE A 79 15.54 -12.57 -17.80
N GLN A 80 16.49 -13.42 -18.17
CA GLN A 80 17.53 -13.08 -19.15
C GLN A 80 17.14 -13.61 -20.52
N LYS A 81 17.73 -13.04 -21.57
CA LYS A 81 17.50 -13.47 -22.95
C LYS A 81 16.09 -13.25 -23.42
N ILE A 82 15.85 -12.08 -24.00
CA ILE A 82 14.54 -11.72 -24.49
C ILE A 82 13.88 -12.78 -25.41
N LEU A 83 14.68 -13.54 -26.15
CA LEU A 83 14.15 -14.56 -27.08
C LEU A 83 13.54 -15.79 -26.43
N THR A 84 13.74 -15.97 -25.12
CA THR A 84 13.14 -17.10 -24.39
C THR A 84 11.75 -16.69 -23.87
N LEU A 85 11.30 -15.50 -24.24
CA LEU A 85 10.00 -14.96 -23.80
C LEU A 85 8.79 -15.91 -23.87
N THR A 86 8.76 -16.73 -24.91
CA THR A 86 7.69 -17.68 -25.10
C THR A 86 7.72 -18.72 -23.99
N TYR A 87 8.89 -19.25 -23.68
CA TYR A 87 8.98 -20.24 -22.61
C TYR A 87 8.65 -19.61 -21.25
N VAL A 88 9.12 -18.39 -21.01
CA VAL A 88 8.86 -17.70 -19.77
C VAL A 88 7.36 -17.46 -19.67
N ASP A 89 6.76 -17.01 -20.77
CA ASP A 89 5.33 -16.76 -20.76
C ASP A 89 4.54 -18.05 -20.44
N LYS A 90 4.99 -19.21 -20.92
CA LYS A 90 4.30 -20.45 -20.61
C LYS A 90 4.46 -20.78 -19.13
N LEU A 91 5.65 -20.55 -18.59
CA LEU A 91 5.91 -20.79 -17.17
C LEU A 91 4.94 -19.91 -16.35
N ILE A 92 4.73 -18.67 -16.78
CA ILE A 92 3.84 -17.76 -16.09
C ILE A 92 2.42 -18.33 -16.11
N ASP A 93 1.96 -18.73 -17.30
CA ASP A 93 0.62 -19.30 -17.43
C ASP A 93 0.44 -20.56 -16.57
N ASP A 94 1.44 -21.43 -16.53
CA ASP A 94 1.34 -22.63 -15.72
C ASP A 94 1.31 -22.29 -14.23
N VAL A 95 2.13 -21.32 -13.85
CA VAL A 95 2.22 -20.88 -12.46
C VAL A 95 0.89 -20.22 -12.05
N HIS A 96 0.32 -19.45 -12.96
CA HIS A 96 -0.93 -18.76 -12.73
C HIS A 96 -2.06 -19.76 -12.49
N ARG A 97 -2.21 -20.71 -13.41
CA ARG A 97 -3.26 -21.73 -13.33
C ARG A 97 -3.19 -22.53 -12.04
N LEU A 98 -1.99 -22.98 -11.69
CA LEU A 98 -1.81 -23.74 -10.47
C LEU A 98 -2.10 -22.90 -9.22
N PHE A 99 -1.54 -21.69 -9.18
CA PHE A 99 -1.69 -20.79 -8.04
C PHE A 99 -3.15 -20.48 -7.78
N ARG A 100 -3.87 -20.16 -8.85
CA ARG A 100 -5.28 -19.82 -8.71
C ARG A 100 -6.16 -21.03 -8.34
N ASP A 101 -5.68 -22.25 -8.56
CA ASP A 101 -6.46 -23.44 -8.19
C ASP A 101 -6.11 -23.86 -6.77
N LYS A 102 -4.82 -23.98 -6.51
CA LYS A 102 -4.34 -24.38 -5.20
C LYS A 102 -4.79 -23.41 -4.10
N TYR A 103 -4.89 -22.13 -4.42
CA TYR A 103 -5.26 -21.13 -3.43
C TYR A 103 -6.54 -20.37 -3.72
N ARG A 104 -7.44 -20.96 -4.49
CA ARG A 104 -8.68 -20.29 -4.84
C ARG A 104 -9.46 -19.81 -3.64
N THR A 105 -9.47 -20.61 -2.59
CA THR A 105 -10.21 -20.23 -1.42
C THR A 105 -9.67 -18.93 -0.84
N GLU A 106 -8.36 -18.86 -0.61
CA GLU A 106 -7.75 -17.64 -0.07
C GLU A 106 -7.87 -16.39 -0.96
N ILE A 107 -7.88 -16.57 -2.27
CA ILE A 107 -7.94 -15.43 -3.16
C ILE A 107 -9.30 -14.95 -3.67
N GLN A 108 -10.34 -15.79 -3.68
CA GLN A 108 -11.64 -15.33 -4.21
C GLN A 108 -12.38 -14.45 -3.24
N GLN A 109 -12.05 -14.57 -1.96
CA GLN A 109 -12.69 -13.77 -0.94
C GLN A 109 -12.37 -12.29 -1.12
N GLN A 110 -13.27 -11.45 -0.60
CA GLN A 110 -13.10 -10.01 -0.70
C GLN A 110 -12.20 -9.47 0.39
N SER A 111 -12.38 -9.95 1.61
CA SER A 111 -11.59 -9.47 2.72
C SER A 111 -10.10 -9.72 2.54
N ALA A 112 -9.28 -8.73 2.86
CA ALA A 112 -7.83 -8.88 2.76
C ALA A 112 -7.34 -9.87 3.82
N LEU A 113 -8.09 -10.04 4.90
CA LEU A 113 -7.70 -10.98 5.95
C LEU A 113 -7.51 -12.37 5.33
N SER A 114 -8.27 -12.65 4.29
CA SER A 114 -8.16 -13.92 3.64
C SER A 114 -6.77 -14.16 3.03
N LEU A 115 -6.11 -13.09 2.57
CA LEU A 115 -4.76 -13.21 1.99
C LEU A 115 -3.78 -13.13 3.13
N LEU A 116 -4.10 -12.28 4.09
CA LEU A 116 -3.25 -12.07 5.24
C LEU A 116 -3.12 -13.32 6.11
N ASN A 117 -4.19 -14.10 6.21
CA ASN A 117 -4.13 -15.32 7.04
C ASN A 117 -3.78 -16.60 6.27
N GLY A 118 -3.62 -16.51 4.96
CA GLY A 118 -3.29 -17.69 4.20
C GLY A 118 -1.79 -17.94 4.22
N THR A 119 -1.38 -19.17 4.06
CA THR A 119 0.05 -19.50 4.00
C THR A 119 0.23 -19.93 2.57
N PHE A 120 1.07 -19.19 1.84
CA PHE A 120 1.30 -19.48 0.44
C PHE A 120 2.64 -20.17 0.28
N ASP A 121 2.72 -21.44 0.68
CA ASP A 121 3.96 -22.17 0.58
C ASP A 121 3.99 -22.83 -0.81
N PHE A 122 4.34 -22.00 -1.78
CA PHE A 122 4.35 -22.33 -3.20
C PHE A 122 5.73 -22.74 -3.74
N GLN A 123 6.79 -22.51 -2.97
CA GLN A 123 8.12 -22.81 -3.44
C GLN A 123 8.22 -24.14 -4.18
N ASN A 124 7.88 -25.23 -3.49
CA ASN A 124 7.96 -26.55 -4.10
C ASN A 124 7.17 -26.74 -5.38
N ASP A 125 5.92 -26.28 -5.43
CA ASP A 125 5.16 -26.40 -6.67
C ASP A 125 5.79 -25.55 -7.80
N PHE A 126 6.43 -24.45 -7.42
CA PHE A 126 7.07 -23.57 -8.39
C PHE A 126 8.33 -24.19 -8.97
N LEU A 127 9.23 -24.68 -8.12
CA LEU A 127 10.45 -25.32 -8.58
C LEU A 127 10.07 -26.47 -9.52
N ARG A 128 9.02 -27.20 -9.17
CA ARG A 128 8.60 -28.27 -10.04
C ARG A 128 8.22 -27.73 -11.42
N LEU A 129 7.43 -26.66 -11.45
CA LEU A 129 7.01 -26.08 -12.74
C LEU A 129 8.16 -25.45 -13.48
N LEU A 130 9.15 -24.99 -12.74
CA LEU A 130 10.33 -24.36 -13.34
C LEU A 130 11.22 -25.45 -13.95
N ARG A 131 11.50 -26.46 -13.14
CA ARG A 131 12.33 -27.59 -13.53
C ARG A 131 11.69 -28.27 -14.73
N GLU A 132 10.38 -28.24 -14.76
CA GLU A 132 9.60 -28.86 -15.80
C GLU A 132 9.56 -28.01 -17.09
N ALA A 133 9.63 -26.69 -16.94
CA ALA A 133 9.59 -25.80 -18.10
C ALA A 133 10.94 -25.74 -18.77
N GLU A 134 11.98 -26.06 -18.01
CA GLU A 134 13.33 -26.04 -18.53
C GLU A 134 13.65 -27.30 -19.35
N GLU A 135 12.65 -28.17 -19.49
CA GLU A 135 12.81 -29.40 -20.27
C GLU A 135 12.13 -29.16 -21.60
N SER A 136 11.02 -28.41 -21.57
CA SER A 136 10.24 -28.07 -22.77
C SER A 136 11.05 -27.17 -23.69
N SER A 137 12.00 -26.46 -23.10
CA SER A 137 12.88 -25.55 -23.83
C SER A 137 13.89 -26.37 -24.64
N LYS A 138 14.25 -27.53 -24.10
CA LYS A 138 15.18 -28.45 -24.75
C LYS A 138 14.38 -29.58 -25.42
N ARG B 8 -19.00 1.46 10.53
CA ARG B 8 -18.72 2.10 9.20
C ARG B 8 -17.24 2.06 8.79
N ALA B 9 -16.97 2.65 7.63
CA ALA B 9 -15.65 2.64 7.05
C ALA B 9 -14.67 3.71 7.48
N VAL B 10 -13.40 3.31 7.54
CA VAL B 10 -12.29 4.19 7.85
C VAL B 10 -11.40 4.13 6.60
N LEU B 11 -11.23 5.27 5.94
CA LEU B 11 -10.39 5.33 4.75
C LEU B 11 -8.94 5.74 5.06
N PHE B 12 -7.98 4.97 4.56
CA PHE B 12 -6.57 5.31 4.74
C PHE B 12 -6.15 5.90 3.38
N VAL B 13 -5.68 7.14 3.38
CA VAL B 13 -5.30 7.81 2.16
C VAL B 13 -3.97 8.50 2.40
N GLY B 14 -3.26 8.86 1.32
CA GLY B 14 -1.97 9.51 1.47
C GLY B 14 -1.15 9.24 0.23
N LEU B 15 -0.02 9.96 0.10
CA LEU B 15 0.82 9.79 -1.08
C LEU B 15 1.35 8.38 -1.13
N CYS B 16 1.87 7.99 -2.29
CA CYS B 16 2.48 6.69 -2.47
C CYS B 16 3.58 6.55 -1.45
N ASP B 17 3.76 5.34 -0.92
CA ASP B 17 4.81 5.11 0.05
C ASP B 17 4.66 5.77 1.42
N SER B 18 3.50 6.30 1.74
CA SER B 18 3.38 6.91 3.06
C SER B 18 3.27 5.78 4.12
N GLY B 19 2.84 4.60 3.69
CA GLY B 19 2.73 3.44 4.56
C GLY B 19 1.31 2.96 4.83
N LYS B 20 0.38 3.30 3.94
CA LYS B 20 -1.02 2.93 4.16
C LYS B 20 -1.23 1.43 4.24
N THR B 21 -0.66 0.69 3.30
CA THR B 21 -0.86 -0.74 3.32
C THR B 21 -0.19 -1.42 4.49
N LEU B 22 1.02 -0.99 4.86
CA LEU B 22 1.68 -1.63 5.99
C LEU B 22 0.91 -1.36 7.28
N LEU B 23 0.39 -0.14 7.48
CA LEU B 23 -0.38 0.15 8.69
C LEU B 23 -1.61 -0.74 8.71
N PHE B 24 -2.26 -0.83 7.56
CA PHE B 24 -3.44 -1.65 7.37
C PHE B 24 -3.14 -3.08 7.83
N VAL B 25 -2.00 -3.62 7.39
CA VAL B 25 -1.59 -4.98 7.75
C VAL B 25 -1.32 -5.10 9.25
N ARG B 26 -0.53 -4.18 9.78
CA ARG B 26 -0.19 -4.14 11.19
C ARG B 26 -1.43 -4.11 12.10
N LEU B 27 -2.47 -3.39 11.67
CA LEU B 27 -3.70 -3.26 12.45
C LEU B 27 -4.51 -4.54 12.44
N LEU B 28 -4.45 -5.24 11.33
CA LEU B 28 -5.22 -6.46 11.14
C LEU B 28 -4.55 -7.76 11.59
N THR B 29 -3.22 -7.79 11.66
CA THR B 29 -2.50 -9.02 11.99
C THR B 29 -1.42 -8.84 13.03
N GLY B 30 -1.01 -7.60 13.25
CA GLY B 30 0.05 -7.32 14.21
C GLY B 30 1.39 -7.65 13.61
N GLN B 31 1.41 -8.08 12.35
CA GLN B 31 2.67 -8.45 11.72
C GLN B 31 3.16 -7.55 10.60
N TYR B 32 4.35 -7.87 10.12
CA TYR B 32 4.98 -7.17 9.01
C TYR B 32 4.76 -8.05 7.79
N ARG B 33 4.74 -7.42 6.62
CA ARG B 33 4.59 -8.12 5.33
C ARG B 33 5.17 -7.22 4.27
N ASP B 34 5.83 -7.80 3.29
CA ASP B 34 6.35 -7.04 2.18
C ASP B 34 5.16 -6.56 1.35
N THR B 35 5.32 -5.39 0.74
CA THR B 35 4.28 -4.81 -0.06
C THR B 35 4.85 -4.17 -1.33
N GLN B 36 3.99 -3.90 -2.29
CA GLN B 36 4.38 -3.21 -3.52
C GLN B 36 3.35 -2.11 -3.68
N THR B 37 3.62 -1.16 -4.57
CA THR B 37 2.66 -0.11 -4.84
C THR B 37 1.29 -0.72 -5.13
N SER B 38 0.27 -0.21 -4.44
CA SER B 38 -1.12 -0.68 -4.58
C SER B 38 -1.78 -0.15 -5.83
N ILE B 39 -2.54 -1.00 -6.52
CA ILE B 39 -3.23 -0.53 -7.71
C ILE B 39 -4.77 -0.52 -7.59
N THR B 40 -5.30 -1.13 -6.53
CA THR B 40 -6.74 -1.09 -6.22
C THR B 40 -6.84 -0.98 -4.71
N ASP B 41 -8.05 -0.75 -4.24
CA ASP B 41 -8.31 -0.65 -2.82
C ASP B 41 -8.41 -2.05 -2.24
N SER B 42 -8.22 -2.16 -0.94
CA SER B 42 -8.39 -3.41 -0.24
C SER B 42 -9.12 -3.08 1.08
N SER B 43 -9.91 -4.02 1.56
CA SER B 43 -10.68 -3.76 2.76
C SER B 43 -10.78 -5.00 3.64
N ALA B 44 -11.05 -4.81 4.91
CA ALA B 44 -11.18 -5.89 5.86
C ALA B 44 -11.78 -5.38 7.18
N ILE B 45 -12.38 -6.28 7.94
CA ILE B 45 -13.01 -5.90 9.19
C ILE B 45 -12.03 -5.79 10.36
N TYR B 46 -12.15 -4.71 11.14
CA TYR B 46 -11.29 -4.50 12.28
C TYR B 46 -12.11 -4.48 13.59
N LYS B 47 -11.82 -5.40 14.51
CA LYS B 47 -12.52 -5.43 15.79
C LYS B 47 -11.76 -4.51 16.72
N VAL B 48 -12.43 -3.43 17.13
CA VAL B 48 -11.85 -2.42 17.99
C VAL B 48 -11.41 -2.92 19.38
N ASN B 49 -10.42 -2.24 19.95
CA ASN B 49 -9.86 -2.57 21.26
C ASN B 49 -10.73 -2.30 22.51
N ASN B 50 -11.82 -1.56 22.36
CA ASN B 50 -12.67 -1.29 23.52
C ASN B 50 -13.61 -2.44 23.91
N ASN B 51 -14.18 -2.33 25.10
CA ASN B 51 -15.10 -3.32 25.67
C ASN B 51 -16.14 -3.90 24.72
N ARG B 52 -16.97 -3.03 24.16
CA ARG B 52 -18.02 -3.47 23.23
C ARG B 52 -17.42 -4.13 21.98
N GLY B 53 -16.15 -3.82 21.71
CA GLY B 53 -15.48 -4.40 20.55
C GLY B 53 -16.21 -4.16 19.24
N ASN B 54 -16.56 -2.90 18.96
CA ASN B 54 -17.26 -2.56 17.74
C ASN B 54 -16.41 -2.98 16.53
N SER B 55 -17.04 -3.05 15.37
CA SER B 55 -16.32 -3.42 14.17
C SER B 55 -16.31 -2.27 13.18
N LEU B 56 -15.14 -1.99 12.61
CA LEU B 56 -14.99 -0.94 11.61
C LEU B 56 -14.53 -1.64 10.31
N THR B 57 -14.79 -1.05 9.16
CA THR B 57 -14.30 -1.62 7.92
C THR B 57 -13.12 -0.78 7.43
N LEU B 58 -11.89 -1.27 7.63
CA LEU B 58 -10.72 -0.52 7.17
C LEU B 58 -10.67 -0.67 5.65
N ILE B 59 -10.46 0.45 4.96
CA ILE B 59 -10.33 0.48 3.50
C ILE B 59 -9.03 1.21 3.15
N ASP B 60 -8.09 0.49 2.56
CA ASP B 60 -6.78 1.01 2.17
C ASP B 60 -6.89 1.54 0.75
N LEU B 61 -6.70 2.84 0.53
CA LEU B 61 -6.81 3.40 -0.83
C LEU B 61 -5.47 3.73 -1.48
N PRO B 62 -5.29 3.32 -2.75
CA PRO B 62 -4.03 3.57 -3.47
C PRO B 62 -3.66 5.06 -3.47
N GLY B 63 -2.39 5.37 -3.27
CA GLY B 63 -1.99 6.76 -3.27
C GLY B 63 -1.59 7.31 -4.64
N HIS B 64 -1.48 6.45 -5.63
CA HIS B 64 -1.10 6.93 -6.94
C HIS B 64 -2.05 8.05 -7.44
N GLU B 65 -1.46 9.11 -7.99
CA GLU B 65 -2.19 10.26 -8.52
C GLU B 65 -3.33 9.88 -9.46
N SER B 66 -3.10 8.91 -10.33
CA SER B 66 -4.10 8.47 -11.29
C SER B 66 -5.26 7.74 -10.67
N LEU B 67 -5.18 7.41 -9.39
CA LEU B 67 -6.26 6.68 -8.72
C LEU B 67 -6.76 7.25 -7.42
N ARG B 68 -5.99 8.12 -6.80
CA ARG B 68 -6.37 8.63 -5.49
C ARG B 68 -7.74 9.26 -5.38
N PHE B 69 -8.07 10.19 -6.28
CA PHE B 69 -9.37 10.86 -6.21
C PHE B 69 -10.53 10.04 -6.73
N GLN B 70 -10.29 9.30 -7.80
CA GLN B 70 -11.33 8.45 -8.35
C GLN B 70 -11.85 7.56 -7.22
N LEU B 71 -10.94 6.95 -6.46
CA LEU B 71 -11.35 6.06 -5.36
C LEU B 71 -11.78 6.75 -4.07
N LEU B 72 -11.26 7.94 -3.77
CA LEU B 72 -11.72 8.64 -2.58
C LEU B 72 -13.18 9.05 -2.86
N ASP B 73 -13.47 9.52 -4.08
CA ASP B 73 -14.84 9.90 -4.45
C ASP B 73 -15.77 8.70 -4.28
N ARG B 74 -15.32 7.53 -4.73
CA ARG B 74 -16.16 6.34 -4.65
C ARG B 74 -16.50 5.88 -3.23
N PHE B 75 -15.58 6.05 -2.29
CA PHE B 75 -15.85 5.60 -0.92
C PHE B 75 -16.12 6.67 0.12
N LYS B 76 -15.94 7.95 -0.21
CA LYS B 76 -16.12 8.99 0.81
C LYS B 76 -17.45 9.03 1.55
N SER B 77 -18.57 8.88 0.85
CA SER B 77 -19.88 8.92 1.52
C SER B 77 -20.08 7.78 2.53
N SER B 78 -19.25 6.74 2.46
CA SER B 78 -19.33 5.59 3.38
C SER B 78 -18.38 5.73 4.58
N ALA B 79 -17.61 6.81 4.61
CA ALA B 79 -16.62 7.00 5.67
C ALA B 79 -17.07 7.61 6.99
N ARG B 80 -16.75 6.89 8.06
CA ARG B 80 -17.02 7.33 9.40
C ARG B 80 -15.78 8.12 9.81
N ALA B 81 -14.64 7.76 9.21
CA ALA B 81 -13.37 8.42 9.52
C ALA B 81 -12.37 8.26 8.39
N VAL B 82 -11.44 9.21 8.34
CA VAL B 82 -10.40 9.21 7.33
C VAL B 82 -9.07 9.37 8.04
N VAL B 83 -8.11 8.51 7.69
CA VAL B 83 -6.76 8.58 8.27
C VAL B 83 -5.88 8.96 7.10
N PHE B 84 -5.29 10.14 7.18
CA PHE B 84 -4.42 10.61 6.12
C PHE B 84 -3.01 10.27 6.62
N VAL B 85 -2.37 9.33 5.93
CA VAL B 85 -1.02 8.89 6.30
C VAL B 85 0.11 9.74 5.71
N VAL B 86 1.09 10.07 6.53
CA VAL B 86 2.22 10.89 6.10
C VAL B 86 3.57 10.24 6.40
N ASP B 87 4.46 10.19 5.42
CA ASP B 87 5.78 9.65 5.62
C ASP B 87 6.50 10.78 6.37
N SER B 88 6.68 10.63 7.68
CA SER B 88 7.34 11.68 8.46
C SER B 88 8.82 11.92 8.17
N ALA B 89 9.48 10.91 7.61
CA ALA B 89 10.90 11.00 7.28
C ALA B 89 11.14 11.70 5.94
N ALA B 90 10.19 11.58 5.02
CA ALA B 90 10.35 12.23 3.72
C ALA B 90 9.54 13.52 3.65
N PHE B 91 8.90 13.88 4.76
CA PHE B 91 8.08 15.06 4.81
C PHE B 91 8.70 16.34 4.24
N GLN B 92 9.94 16.64 4.65
CA GLN B 92 10.61 17.84 4.17
C GLN B 92 10.61 18.04 2.65
N ARG B 93 10.86 16.96 1.90
CA ARG B 93 10.86 17.13 0.45
C ARG B 93 9.48 17.01 -0.17
N GLU B 94 8.58 16.30 0.50
CA GLU B 94 7.24 16.08 -0.02
C GLU B 94 6.14 17.02 0.42
N VAL B 95 6.46 17.95 1.34
CA VAL B 95 5.45 18.88 1.89
C VAL B 95 4.38 19.39 0.96
N LYS B 96 4.80 19.92 -0.18
CA LYS B 96 3.85 20.46 -1.12
C LYS B 96 2.91 19.43 -1.70
N ASP B 97 3.41 18.24 -2.00
CA ASP B 97 2.55 17.18 -2.55
C ASP B 97 1.55 16.73 -1.49
N VAL B 98 2.01 16.65 -0.24
CA VAL B 98 1.17 16.26 0.87
C VAL B 98 0.06 17.29 1.07
N ALA B 99 0.44 18.55 1.27
CA ALA B 99 -0.54 19.64 1.48
C ALA B 99 -1.59 19.71 0.37
N GLU B 100 -1.15 19.57 -0.87
CA GLU B 100 -2.06 19.61 -2.01
C GLU B 100 -3.10 18.50 -1.99
N PHE B 101 -2.69 17.30 -1.57
CA PHE B 101 -3.61 16.19 -1.53
C PHE B 101 -4.51 16.36 -0.31
N LEU B 102 -3.93 16.74 0.82
CA LEU B 102 -4.73 16.94 2.03
C LEU B 102 -5.81 18.00 1.79
N TYR B 103 -5.45 19.06 1.07
CA TYR B 103 -6.38 20.14 0.72
C TYR B 103 -7.66 19.56 0.11
N GLN B 104 -7.51 18.74 -0.92
CA GLN B 104 -8.67 18.09 -1.55
C GLN B 104 -9.38 17.17 -0.56
N VAL B 105 -8.64 16.56 0.36
CA VAL B 105 -9.28 15.67 1.32
C VAL B 105 -10.12 16.48 2.33
N LEU B 106 -9.63 17.66 2.69
CA LEU B 106 -10.32 18.54 3.63
C LEU B 106 -11.59 19.05 2.98
N ILE B 107 -11.45 19.51 1.75
CA ILE B 107 -12.62 19.99 1.03
C ILE B 107 -13.65 18.88 0.89
N ASP B 108 -13.27 17.74 0.31
CA ASP B 108 -14.19 16.62 0.15
C ASP B 108 -14.92 16.27 1.43
N SER B 109 -14.17 16.23 2.54
CA SER B 109 -14.73 15.88 3.83
C SER B 109 -15.79 16.84 4.34
N MET B 110 -15.55 18.14 4.16
CA MET B 110 -16.50 19.14 4.64
C MET B 110 -17.79 19.18 3.80
N ALA B 111 -17.66 18.96 2.49
CA ALA B 111 -18.83 18.96 1.62
C ALA B 111 -19.75 17.76 1.89
N LEU B 112 -19.42 16.95 2.87
CA LEU B 112 -20.24 15.78 3.16
C LEU B 112 -21.30 16.03 4.21
N LYS B 113 -22.46 15.42 4.04
CA LYS B 113 -23.55 15.55 4.99
C LYS B 113 -23.00 15.37 6.41
N ASN B 114 -22.58 14.15 6.75
CA ASN B 114 -22.03 13.90 8.07
C ASN B 114 -20.52 13.80 7.98
N SER B 115 -19.85 14.94 8.06
CA SER B 115 -18.40 14.99 7.96
C SER B 115 -17.71 13.91 8.77
N PRO B 116 -16.82 13.16 8.11
CA PRO B 116 -16.10 12.10 8.82
C PRO B 116 -15.06 12.72 9.73
N SER B 117 -14.72 12.02 10.79
CA SER B 117 -13.69 12.46 11.71
C SER B 117 -12.37 12.25 10.90
N LEU B 118 -11.39 13.13 11.09
CA LEU B 118 -10.14 13.03 10.33
C LEU B 118 -8.84 12.97 11.13
N LEU B 119 -7.98 12.00 10.84
CA LEU B 119 -6.72 11.91 11.56
C LEU B 119 -5.55 12.06 10.60
N ILE B 120 -4.50 12.71 11.07
CA ILE B 120 -3.29 12.88 10.28
C ILE B 120 -2.29 12.01 11.02
N ALA B 121 -1.99 10.82 10.48
CA ALA B 121 -1.05 9.90 11.11
C ALA B 121 0.34 10.10 10.55
N CYS B 122 1.20 10.68 11.39
CA CYS B 122 2.56 10.97 11.02
C CYS B 122 3.35 9.67 11.26
N ASN B 123 3.43 8.89 10.17
CA ASN B 123 4.05 7.57 10.16
C ASN B 123 5.56 7.55 9.91
N LYS B 124 6.15 6.36 10.07
CA LYS B 124 7.59 6.15 9.88
C LYS B 124 8.45 6.86 10.95
N GLN B 125 7.89 7.02 12.16
CA GLN B 125 8.59 7.66 13.28
C GLN B 125 9.85 6.89 13.70
N ASP B 126 9.87 5.58 13.44
CA ASP B 126 11.02 4.73 13.77
C ASP B 126 12.29 5.17 13.03
N ILE B 127 12.16 5.95 11.97
CA ILE B 127 13.33 6.42 11.22
C ILE B 127 13.85 7.66 11.92
N ALA B 128 15.16 7.73 12.11
CA ALA B 128 15.76 8.86 12.83
C ALA B 128 15.40 10.27 12.37
N MET B 129 15.57 10.56 11.09
CA MET B 129 15.28 11.89 10.56
C MET B 129 13.78 12.29 10.51
N ALA B 130 12.93 11.56 11.22
CA ALA B 130 11.50 11.82 11.17
C ALA B 130 11.01 13.09 11.88
N LYS B 131 10.29 13.93 11.16
CA LYS B 131 9.76 15.16 11.72
C LYS B 131 8.60 14.79 12.65
N SER B 132 8.45 15.54 13.74
CA SER B 132 7.40 15.27 14.70
C SER B 132 6.04 15.65 14.15
N ALA B 133 4.99 15.16 14.79
CA ALA B 133 3.61 15.47 14.39
C ALA B 133 3.34 16.95 14.65
N LYS B 134 4.03 17.51 15.64
CA LYS B 134 3.86 18.91 15.96
C LYS B 134 4.41 19.74 14.80
N LEU B 135 5.63 19.44 14.37
CA LEU B 135 6.23 20.16 13.26
C LEU B 135 5.49 19.95 11.92
N ILE B 136 4.94 18.76 11.73
CA ILE B 136 4.22 18.49 10.49
C ILE B 136 2.94 19.32 10.46
N GLN B 137 2.27 19.42 11.61
CA GLN B 137 1.05 20.21 11.67
C GLN B 137 1.36 21.68 11.35
N GLN B 138 2.43 22.19 11.95
CA GLN B 138 2.82 23.57 11.72
C GLN B 138 3.12 23.84 10.24
N GLN B 139 3.96 23.02 9.62
CA GLN B 139 4.28 23.24 8.21
C GLN B 139 3.07 23.01 7.28
N LEU B 140 2.18 22.10 7.63
CA LEU B 140 1.01 21.91 6.79
C LEU B 140 0.04 23.10 6.87
N GLU B 141 -0.08 23.70 8.06
CA GLU B 141 -0.97 24.87 8.20
C GLU B 141 -0.41 26.01 7.36
N LYS B 142 0.89 26.26 7.52
CA LYS B 142 1.54 27.31 6.75
C LYS B 142 1.34 27.09 5.25
N GLU B 143 1.42 25.84 4.82
CA GLU B 143 1.27 25.49 3.41
C GLU B 143 -0.18 25.55 2.90
N LEU B 144 -1.14 25.09 3.69
CA LEU B 144 -2.52 25.15 3.24
C LEU B 144 -2.92 26.63 3.20
N ASN B 145 -2.28 27.42 4.05
CA ASN B 145 -2.56 28.84 4.10
C ASN B 145 -2.23 29.51 2.80
N THR B 146 -1.19 29.05 2.10
CA THR B 146 -0.87 29.66 0.81
C THR B 146 -1.73 29.04 -0.28
N LEU B 147 -1.98 27.74 -0.18
CA LEU B 147 -2.79 27.05 -1.17
C LEU B 147 -4.21 27.58 -1.35
N ARG B 148 -4.88 27.98 -0.28
CA ARG B 148 -6.24 28.47 -0.44
C ARG B 148 -6.28 29.79 -1.21
N VAL B 149 -5.13 30.41 -1.39
CA VAL B 149 -5.05 31.64 -2.17
C VAL B 149 -4.59 31.31 -3.60
N THR B 150 -3.51 30.55 -3.73
CA THR B 150 -2.97 30.20 -5.05
C THR B 150 -3.79 29.13 -5.80
N ARG B 151 -4.48 28.26 -5.07
CA ARG B 151 -5.28 27.18 -5.65
C ARG B 151 -6.14 27.56 -6.85
N SER B 152 -5.73 27.10 -8.04
CA SER B 152 -6.44 27.36 -9.29
C SER B 152 -7.74 26.56 -9.38
N PRO B 165 -19.13 27.76 -3.14
CA PRO B 165 -17.70 27.42 -3.05
C PRO B 165 -17.20 27.22 -1.62
N ALA B 166 -16.80 25.99 -1.30
CA ALA B 166 -16.29 25.66 0.03
C ALA B 166 -14.85 26.12 0.19
N GLN B 167 -14.53 26.72 1.34
CA GLN B 167 -13.17 27.20 1.58
C GLN B 167 -12.64 26.86 2.97
N LEU B 168 -11.34 27.07 3.15
CA LEU B 168 -10.67 26.75 4.41
C LEU B 168 -10.62 27.87 5.44
N GLY B 169 -11.25 27.65 6.59
CA GLY B 169 -11.23 28.65 7.65
C GLY B 169 -11.72 30.03 7.22
N LYS B 170 -11.09 31.07 7.77
CA LYS B 170 -11.50 32.43 7.42
C LYS B 170 -10.44 33.09 6.55
N LYS B 171 -10.88 33.71 5.45
CA LYS B 171 -9.97 34.35 4.50
C LYS B 171 -9.01 35.36 5.16
N GLY B 172 -9.53 36.11 6.13
CA GLY B 172 -8.74 37.11 6.81
C GLY B 172 -7.80 36.66 7.91
N LYS B 173 -7.87 35.40 8.32
CA LYS B 173 -6.95 34.94 9.35
C LYS B 173 -6.11 33.73 8.88
N GLU B 174 -4.82 33.74 9.25
CA GLU B 174 -3.90 32.66 8.89
C GLU B 174 -4.51 31.29 9.19
N PHE B 175 -4.55 30.42 8.18
CA PHE B 175 -5.13 29.08 8.32
C PHE B 175 -4.60 28.23 9.46
N GLU B 176 -5.51 27.49 10.09
CA GLU B 176 -5.17 26.56 11.17
C GLU B 176 -6.23 25.50 11.13
N PHE B 177 -5.85 24.27 11.46
CA PHE B 177 -6.81 23.16 11.45
C PHE B 177 -7.99 23.35 12.40
N SER B 178 -7.76 24.00 13.55
CA SER B 178 -8.84 24.25 14.52
C SER B 178 -10.01 25.09 13.95
N GLN B 179 -9.75 25.92 12.95
CA GLN B 179 -10.81 26.73 12.34
C GLN B 179 -11.74 25.88 11.48
N LEU B 180 -11.45 24.60 11.36
CA LEU B 180 -12.26 23.76 10.51
C LEU B 180 -13.48 23.15 11.16
N PRO B 181 -14.59 23.07 10.42
CA PRO B 181 -15.82 22.48 10.95
C PRO B 181 -15.65 20.95 10.84
N LEU B 182 -14.55 20.42 11.38
CA LEU B 182 -14.24 18.99 11.37
C LEU B 182 -13.37 18.58 12.55
N LYS B 183 -13.55 17.36 13.04
CA LYS B 183 -12.71 16.84 14.11
C LYS B 183 -11.40 16.47 13.37
N VAL B 184 -10.28 17.05 13.76
CA VAL B 184 -9.02 16.78 13.10
C VAL B 184 -7.96 16.55 14.15
N GLU B 185 -7.31 15.38 14.13
CA GLU B 185 -6.26 15.10 15.10
C GLU B 185 -4.98 14.68 14.42
N PHE B 186 -3.89 14.84 15.14
CA PHE B 186 -2.58 14.44 14.69
C PHE B 186 -2.03 13.46 15.70
N LEU B 187 -1.35 12.44 15.22
CA LEU B 187 -0.70 11.50 16.13
C LEU B 187 0.53 10.95 15.41
N GLU B 188 1.39 10.27 16.15
CA GLU B 188 2.60 9.69 15.58
C GLU B 188 2.49 8.17 15.59
N CYS B 189 3.20 7.51 14.68
CA CYS B 189 3.17 6.05 14.64
C CYS B 189 4.28 5.49 13.77
N SER B 190 4.42 4.17 13.83
CA SER B 190 5.41 3.44 13.06
C SER B 190 4.83 2.07 12.72
N ALA B 191 4.89 1.70 11.45
CA ALA B 191 4.37 0.42 11.02
C ALA B 191 5.44 -0.67 11.17
N LYS B 192 6.67 -0.25 11.39
CA LYS B 192 7.77 -1.19 11.57
C LYS B 192 8.33 -1.09 12.99
N SER B 200 7.68 -6.02 16.37
CA SER B 200 6.39 -5.34 16.39
C SER B 200 6.51 -3.84 16.10
N ALA B 201 5.36 -3.22 15.89
CA ALA B 201 5.28 -1.80 15.57
C ALA B 201 4.77 -0.94 16.73
N ASP B 202 4.72 0.37 16.47
CA ASP B 202 4.25 1.34 17.43
C ASP B 202 2.98 2.01 16.88
N ILE B 203 1.85 1.35 17.07
CA ILE B 203 0.58 1.88 16.58
C ILE B 203 -0.45 1.99 17.70
N GLN B 204 0.04 2.11 18.94
CA GLN B 204 -0.83 2.23 20.12
C GLN B 204 -1.81 3.38 20.04
N ASP B 205 -1.30 4.58 19.77
CA ASP B 205 -2.16 5.76 19.67
C ASP B 205 -3.20 5.63 18.58
N LEU B 206 -2.79 5.07 17.43
CA LEU B 206 -3.68 4.88 16.29
C LEU B 206 -4.82 3.94 16.63
N GLU B 207 -4.52 2.84 17.31
CA GLU B 207 -5.57 1.90 17.71
C GLU B 207 -6.44 2.56 18.79
N LYS B 208 -5.84 3.43 19.61
CA LYS B 208 -6.62 4.13 20.62
C LYS B 208 -7.63 5.02 19.89
N TRP B 209 -7.15 5.85 18.96
CA TRP B 209 -8.03 6.75 18.20
C TRP B 209 -9.09 5.98 17.43
N LEU B 210 -8.71 4.90 16.77
CA LEU B 210 -9.66 4.10 16.03
C LEU B 210 -10.75 3.60 16.98
N ALA B 211 -10.35 3.18 18.17
CA ALA B 211 -11.29 2.72 19.17
C ALA B 211 -12.26 3.87 19.51
N LYS B 212 -11.68 5.01 19.86
CA LYS B 212 -12.40 6.21 20.22
C LYS B 212 -13.44 6.68 19.18
N ILE B 213 -13.20 6.43 17.90
CA ILE B 213 -14.16 6.89 16.90
C ILE B 213 -15.12 5.82 16.42
N ALA B 214 -14.94 4.59 16.91
CA ALA B 214 -15.79 3.47 16.49
C ALA B 214 -17.28 3.58 16.86
#